data_5ULI
#
_entry.id   5ULI
#
_cell.length_a   49.867
_cell.length_b   87.678
_cell.length_c   53.158
_cell.angle_alpha   90.000
_cell.angle_beta   113.020
_cell.angle_gamma   90.000
#
_symmetry.space_group_name_H-M   'P 1 21 1'
#
loop_
_entity.id
_entity.type
_entity.pdbx_description
1 polymer 'Decapping and exoribonuclease protein'
2 non-polymer 'CALCIUM ION'
3 non-polymer '[[(2R,3S,4R,5R)-5-(3-aminocarbonyl-4H-pyridin-1-yl)-3,4-bis(oxidanyl)oxolan-2-yl]methoxy-oxidanyl-phosphoryl] [(2R,3S,4R,5R)-5-(6-aminopurin-9-yl)-4-oxidanyl-3-phosphonooxy-oxolan-2-yl]methyl hydrogen phosphate'
4 water water
#
_entity_poly.entity_id   1
_entity_poly.type   'polypeptide(L)'
_entity_poly.pdbx_seq_one_letter_code
;MGSSHHHHHHSSGLVPRGSHPSLRTQPSLYSGPFPFYRRPSELGCFSLDAQRQYHGDARALRYYSPPPINGPGPDFDLRD
GYPDRYQPRDEEVQERLDHLLRWVLEHRNQLEGGPGWLAGATVTWRGHLTKLLTTPYERQEGWQLAASRFQGTLYLSEVE
TPAARAQRLARPPLLRELMYMGYKFEQYMCADKPGGSPDPSGEVNTNVAYCSVLRSRLGNHPLLFSGEVDCLNPQAPCTQ
PPSCYVELKTSKEMHSPGQWRSFYRHKLLKWWAQSFLPGVPHVVAGFRNPEGFVCSLKTFPTMEMFENVRNDREGWNPSV
CMNFCAAFLSFAQSTVVQDDPRLVHLFSWEPGGPVTVSVHRDAPYAFLPSWYVETMTQ
;
_entity_poly.pdbx_strand_id   A
#
# COMPACT_ATOMS: atom_id res chain seq x y z
N PRO A 21 9.41 -19.11 19.63
CA PRO A 21 9.30 -17.66 19.38
C PRO A 21 8.07 -17.30 18.53
N SER A 22 7.14 -16.54 19.10
CA SER A 22 5.99 -16.16 18.32
C SER A 22 5.44 -14.85 18.86
N LEU A 23 4.52 -14.25 18.11
CA LEU A 23 4.06 -12.90 18.43
C LEU A 23 2.56 -12.89 18.39
N ARG A 24 1.92 -12.61 19.53
CA ARG A 24 0.48 -12.53 19.58
C ARG A 24 -0.05 -11.27 18.88
N THR A 25 -1.32 -11.35 18.47
CA THR A 25 -1.93 -10.38 17.58
C THR A 25 -3.27 -9.83 18.10
N GLN A 26 -3.71 -10.25 19.28
CA GLN A 26 -4.97 -9.74 19.84
C GLN A 26 -4.91 -8.24 20.09
N PRO A 27 -5.92 -7.51 19.62
CA PRO A 27 -5.91 -6.06 19.78
C PRO A 27 -5.82 -5.61 21.23
N SER A 28 -6.27 -6.40 22.21
CA SER A 28 -6.18 -5.91 23.60
C SER A 28 -4.74 -5.82 24.11
N LEU A 29 -3.80 -6.51 23.47
CA LEU A 29 -2.40 -6.38 23.84
C LEU A 29 -1.76 -5.07 23.36
N TYR A 30 -2.45 -4.34 22.50
CA TYR A 30 -1.82 -3.23 21.81
C TYR A 30 -2.60 -1.94 21.96
N SER A 31 -3.48 -1.89 22.95
N SER A 31 -3.50 -1.88 22.94
CA SER A 31 -4.42 -0.79 23.12
CA SER A 31 -4.44 -0.78 23.07
C SER A 31 -3.92 0.34 24.02
C SER A 31 -3.91 0.46 23.80
N GLY A 32 -2.60 0.54 24.07
CA GLY A 32 -2.06 1.67 24.79
C GLY A 32 -1.99 2.97 24.01
N PRO A 33 -1.18 3.92 24.47
CA PRO A 33 -1.06 5.20 23.75
C PRO A 33 -0.53 5.04 22.33
N PHE A 34 -0.96 5.92 21.43
CA PHE A 34 -0.40 5.99 20.08
C PHE A 34 1.13 6.12 20.10
N PRO A 35 1.85 5.27 19.34
CA PRO A 35 3.31 5.33 19.35
C PRO A 35 3.85 6.48 18.49
N PHE A 36 5.12 6.76 18.60
CA PHE A 36 5.76 7.67 17.68
C PHE A 36 5.68 7.19 16.24
N TYR A 37 5.26 8.07 15.36
CA TYR A 37 5.27 7.83 13.93
C TYR A 37 5.71 9.11 13.26
N ARG A 38 6.91 9.09 12.68
CA ARG A 38 7.49 10.25 12.04
C ARG A 38 6.64 10.67 10.87
N ARG A 39 6.35 11.96 10.79
CA ARG A 39 5.84 12.60 9.60
C ARG A 39 6.63 12.17 8.37
N PRO A 40 5.97 11.52 7.39
CA PRO A 40 6.75 10.91 6.27
C PRO A 40 7.31 11.95 5.31
N SER A 41 8.54 11.77 4.83
CA SER A 41 9.08 12.61 3.77
C SER A 41 9.26 11.80 2.53
N GLU A 42 8.95 12.38 1.38
CA GLU A 42 9.20 11.74 0.11
C GLU A 42 10.68 11.90 -0.25
N LEU A 43 11.37 10.78 -0.44
CA LEU A 43 12.76 10.81 -0.83
C LEU A 43 12.91 10.85 -2.34
N GLY A 44 11.89 10.37 -3.04
CA GLY A 44 11.94 10.29 -4.48
C GLY A 44 10.77 9.51 -5.01
N CYS A 45 10.90 9.04 -6.24
CA CYS A 45 9.79 8.36 -6.87
C CYS A 45 10.30 7.54 -8.03
N PHE A 46 9.47 6.66 -8.57
CA PHE A 46 9.78 6.06 -9.84
C PHE A 46 8.50 5.68 -10.55
N SER A 47 8.62 5.30 -11.82
CA SER A 47 7.47 4.96 -12.65
C SER A 47 7.68 3.59 -13.26
N LEU A 48 6.58 2.89 -13.53
CA LEU A 48 6.65 1.69 -14.35
C LEU A 48 5.79 1.99 -15.56
N ASP A 49 6.31 1.76 -16.77
CA ASP A 49 5.57 2.14 -17.97
C ASP A 49 4.65 1.00 -18.41
N ALA A 50 4.06 1.10 -19.62
CA ALA A 50 3.04 0.16 -20.07
C ALA A 50 3.58 -1.24 -20.33
N GLN A 51 4.91 -1.34 -20.39
CA GLN A 51 5.61 -2.59 -20.59
C GLN A 51 6.26 -3.03 -19.29
N ARG A 52 5.82 -2.45 -18.19
CA ARG A 52 6.36 -2.76 -16.85
C ARG A 52 7.87 -2.50 -16.77
N GLN A 53 8.37 -1.57 -17.58
CA GLN A 53 9.76 -1.11 -17.45
C GLN A 53 9.89 0.00 -16.41
N TYR A 54 10.97 -0.08 -15.63
CA TYR A 54 11.31 0.93 -14.64
C TYR A 54 11.92 2.20 -15.25
N HIS A 55 11.50 3.35 -14.73
CA HIS A 55 12.07 4.65 -15.04
C HIS A 55 12.19 5.46 -13.75
N GLY A 56 13.31 6.13 -13.53
CA GLY A 56 13.53 6.77 -12.25
C GLY A 56 13.04 8.20 -12.26
N ASP A 57 11.77 8.41 -12.64
CA ASP A 57 11.22 9.76 -12.76
C ASP A 57 9.70 9.66 -12.59
N ALA A 58 9.02 10.79 -12.71
CA ALA A 58 7.57 10.88 -12.44
C ALA A 58 6.70 10.74 -13.67
N ARG A 59 7.19 10.12 -14.75
CA ARG A 59 6.42 10.13 -16.01
C ARG A 59 5.04 9.50 -15.88
N ALA A 60 4.87 8.58 -14.94
CA ALA A 60 3.57 7.93 -14.75
C ALA A 60 2.57 8.70 -13.83
N LEU A 61 3.03 9.77 -13.18
CA LEU A 61 2.15 10.55 -12.32
C LEU A 61 1.01 11.18 -13.07
N ARG A 62 -0.21 11.07 -12.55
CA ARG A 62 -1.36 11.76 -13.15
C ARG A 62 -1.89 12.79 -12.18
N TYR A 63 -2.79 13.66 -12.68
CA TYR A 63 -3.25 14.86 -11.96
C TYR A 63 -4.76 14.84 -11.71
N TYR A 64 -5.10 15.02 -10.42
CA TYR A 64 -6.48 15.03 -9.95
C TYR A 64 -7.31 15.99 -10.80
N SER A 65 -8.43 15.51 -11.35
CA SER A 65 -9.24 16.31 -12.25
C SER A 65 -10.69 15.90 -12.12
N PRO A 66 -11.34 16.37 -11.05
CA PRO A 66 -12.69 15.92 -10.75
C PRO A 66 -13.65 16.58 -11.72
N PRO A 67 -14.87 16.03 -11.85
CA PRO A 67 -15.88 16.63 -12.72
C PRO A 67 -16.17 18.09 -12.30
N PRO A 68 -16.29 19.00 -13.28
CA PRO A 68 -16.62 20.40 -13.04
C PRO A 68 -17.78 20.59 -12.05
N ILE A 69 -17.54 21.42 -11.04
CA ILE A 69 -18.52 21.70 -9.99
C ILE A 69 -19.87 22.26 -10.49
N ASN A 70 -19.82 22.98 -11.62
CA ASN A 70 -21.02 23.58 -12.22
C ASN A 70 -21.80 22.67 -13.20
N GLY A 71 -21.20 21.53 -13.56
CA GLY A 71 -21.83 20.56 -14.43
C GLY A 71 -22.63 19.51 -13.68
N PRO A 72 -23.08 18.44 -14.38
CA PRO A 72 -23.90 17.37 -13.80
C PRO A 72 -23.14 16.48 -12.80
N GLY A 73 -23.83 15.87 -11.83
CA GLY A 73 -23.18 14.93 -10.91
C GLY A 73 -22.51 13.82 -11.70
N PRO A 74 -21.49 13.14 -11.12
CA PRO A 74 -20.81 12.14 -11.96
C PRO A 74 -21.77 11.04 -12.37
N ASP A 75 -21.47 10.46 -13.50
CA ASP A 75 -22.21 9.31 -13.91
C ASP A 75 -21.22 8.37 -14.63
N PHE A 76 -20.09 8.08 -13.99
CA PHE A 76 -19.00 7.35 -14.63
C PHE A 76 -19.36 5.90 -14.84
N ASP A 77 -19.27 5.44 -16.09
CA ASP A 77 -19.54 4.05 -16.41
C ASP A 77 -18.29 3.20 -16.20
N LEU A 78 -18.19 2.50 -15.08
CA LEU A 78 -16.91 1.85 -14.76
C LEU A 78 -16.74 0.57 -15.55
N ARG A 79 -17.79 0.13 -16.26
CA ARG A 79 -17.68 -1.04 -17.10
C ARG A 79 -17.24 -0.67 -18.51
N ASP A 80 -17.28 0.60 -18.88
CA ASP A 80 -16.90 0.96 -20.24
C ASP A 80 -15.44 0.49 -20.57
N GLY A 81 -15.28 -0.28 -21.63
CA GLY A 81 -13.95 -0.71 -22.02
C GLY A 81 -13.55 -2.09 -21.53
N TYR A 82 -14.35 -2.67 -20.65
CA TYR A 82 -14.08 -4.02 -20.13
C TYR A 82 -14.70 -5.07 -21.06
N PRO A 83 -13.93 -6.08 -21.50
CA PRO A 83 -12.50 -6.29 -21.24
C PRO A 83 -11.62 -5.84 -22.39
N ASP A 84 -12.26 -5.35 -23.45
CA ASP A 84 -11.57 -5.00 -24.68
C ASP A 84 -10.45 -3.97 -24.58
N ARG A 85 -10.57 -3.03 -23.66
CA ARG A 85 -9.53 -2.02 -23.54
C ARG A 85 -8.80 -2.19 -22.21
N TYR A 86 -8.71 -3.44 -21.79
CA TYR A 86 -8.10 -3.80 -20.53
C TYR A 86 -6.76 -4.50 -20.82
N GLN A 87 -5.66 -3.96 -20.32
CA GLN A 87 -4.36 -4.62 -20.44
C GLN A 87 -3.82 -4.89 -19.02
N PRO A 88 -4.21 -6.05 -18.46
CA PRO A 88 -3.88 -6.41 -17.07
C PRO A 88 -2.41 -6.79 -16.88
N ARG A 89 -1.86 -6.39 -15.74
CA ARG A 89 -0.54 -6.81 -15.31
C ARG A 89 -0.48 -8.33 -15.23
N ASP A 90 0.61 -8.91 -15.68
CA ASP A 90 0.82 -10.33 -15.55
C ASP A 90 1.19 -10.67 -14.10
N GLU A 91 0.22 -11.18 -13.35
CA GLU A 91 0.38 -11.47 -11.93
C GLU A 91 1.19 -12.71 -11.63
N GLU A 92 1.62 -13.42 -12.66
CA GLU A 92 2.40 -14.62 -12.45
C GLU A 92 3.87 -14.21 -12.23
N VAL A 93 4.23 -13.02 -12.68
CA VAL A 93 5.58 -12.46 -12.47
C VAL A 93 5.79 -12.01 -11.01
N GLN A 94 6.79 -12.59 -10.35
CA GLN A 94 7.14 -12.27 -8.97
C GLN A 94 8.16 -11.13 -8.91
N GLU A 95 7.72 -9.91 -8.71
CA GLU A 95 8.63 -8.78 -8.72
C GLU A 95 9.29 -8.60 -7.36
N ARG A 96 8.61 -9.04 -6.31
CA ARG A 96 9.12 -8.91 -4.95
C ARG A 96 9.52 -7.45 -4.71
N LEU A 97 10.74 -7.20 -4.22
CA LEU A 97 11.15 -5.84 -3.90
C LEU A 97 11.94 -5.24 -5.02
N ASP A 98 12.06 -5.94 -6.15
CA ASP A 98 13.07 -5.56 -7.15
C ASP A 98 13.02 -4.09 -7.57
N HIS A 99 11.83 -3.52 -7.86
CA HIS A 99 11.74 -2.10 -8.27
C HIS A 99 12.23 -1.15 -7.22
N LEU A 100 11.85 -1.41 -5.97
CA LEU A 100 12.34 -0.57 -4.87
C LEU A 100 13.85 -0.73 -4.67
N LEU A 101 14.37 -1.94 -4.82
CA LEU A 101 15.83 -2.13 -4.67
C LEU A 101 16.61 -1.34 -5.72
N ARG A 102 16.06 -1.27 -6.93
CA ARG A 102 16.70 -0.50 -7.98
C ARG A 102 16.75 1.00 -7.64
N TRP A 103 15.66 1.56 -7.13
CA TRP A 103 15.65 2.95 -6.69
C TRP A 103 16.74 3.12 -5.62
N VAL A 104 16.77 2.21 -4.66
CA VAL A 104 17.72 2.33 -3.57
C VAL A 104 19.16 2.30 -4.09
N LEU A 105 19.42 1.35 -4.97
CA LEU A 105 20.73 1.25 -5.60
C LEU A 105 21.09 2.55 -6.26
N GLU A 106 20.13 3.13 -6.98
CA GLU A 106 20.42 4.36 -7.72
C GLU A 106 20.46 5.64 -6.83
N HIS A 107 20.13 5.52 -5.55
CA HIS A 107 20.19 6.66 -4.63
C HIS A 107 20.97 6.36 -3.36
N ARG A 108 21.76 5.29 -3.35
CA ARG A 108 22.35 4.78 -2.11
C ARG A 108 23.32 5.74 -1.43
N ASN A 109 23.94 6.61 -2.20
CA ASN A 109 24.86 7.52 -1.57
C ASN A 109 24.14 8.76 -1.14
N GLN A 110 23.30 9.27 -2.01
CA GLN A 110 22.65 10.55 -1.73
C GLN A 110 21.42 10.36 -0.86
N LEU A 111 21.48 9.43 0.08
CA LEU A 111 20.35 9.17 0.98
C LEU A 111 20.34 10.18 2.15
N GLU A 112 19.13 10.52 2.62
CA GLU A 112 18.92 11.37 3.81
C GLU A 112 19.38 10.66 5.09
N GLY A 113 19.43 11.41 6.18
CA GLY A 113 19.50 10.84 7.53
C GLY A 113 20.92 10.60 8.02
N GLY A 114 21.88 10.77 7.12
CA GLY A 114 23.28 10.72 7.50
C GLY A 114 23.92 9.37 7.30
N PRO A 115 25.13 9.22 7.86
CA PRO A 115 25.99 8.04 7.67
C PRO A 115 25.39 6.78 8.28
N GLY A 116 25.20 5.76 7.46
CA GLY A 116 24.65 4.51 7.92
C GLY A 116 23.18 4.57 8.29
N TRP A 117 22.45 5.58 7.79
CA TRP A 117 21.00 5.62 8.02
C TRP A 117 20.34 4.35 7.43
N LEU A 118 20.71 4.00 6.19
CA LEU A 118 20.15 2.80 5.60
C LEU A 118 20.43 1.56 6.43
N ALA A 119 21.60 1.48 7.07
CA ALA A 119 21.96 0.29 7.85
C ALA A 119 21.03 0.01 9.05
N GLY A 120 20.43 1.03 9.62
CA GLY A 120 19.47 0.82 10.70
C GLY A 120 18.01 0.87 10.26
N ALA A 121 17.76 1.02 8.96
CA ALA A 121 16.37 1.05 8.40
C ALA A 121 15.74 -0.33 8.06
N THR A 122 14.42 -0.36 7.95
CA THR A 122 13.69 -1.54 7.47
C THR A 122 13.08 -1.09 6.14
N VAL A 123 13.24 -1.93 5.13
CA VAL A 123 12.91 -1.58 3.76
C VAL A 123 11.79 -2.52 3.29
N THR A 124 10.70 -1.96 2.79
CA THR A 124 9.60 -2.78 2.33
C THR A 124 8.61 -1.98 1.46
N TRP A 125 7.57 -2.63 0.96
CA TRP A 125 6.49 -1.93 0.27
C TRP A 125 5.45 -1.42 1.27
N ARG A 126 4.87 -0.25 0.98
CA ARG A 126 3.80 0.27 1.82
C ARG A 126 2.74 -0.80 2.09
N GLY A 127 2.32 -1.52 1.06
CA GLY A 127 1.27 -2.50 1.23
C GLY A 127 1.62 -3.61 2.22
N HIS A 128 2.88 -3.99 2.35
CA HIS A 128 3.22 -4.97 3.37
C HIS A 128 3.00 -4.37 4.75
N LEU A 129 3.37 -3.12 4.93
CA LEU A 129 3.13 -2.46 6.23
C LEU A 129 1.62 -2.36 6.52
N THR A 130 0.83 -2.08 5.49
CA THR A 130 -0.65 -1.99 5.60
C THR A 130 -1.23 -3.28 6.17
N LYS A 131 -0.74 -4.41 5.67
CA LYS A 131 -1.18 -5.70 6.17
C LYS A 131 -0.78 -5.93 7.63
N LEU A 132 0.40 -5.46 8.03
CA LEU A 132 0.77 -5.54 9.44
C LEU A 132 -0.23 -4.72 10.28
N LEU A 133 -0.46 -3.50 9.84
CA LEU A 133 -1.35 -2.57 10.54
C LEU A 133 -2.72 -3.16 10.77
N THR A 134 -3.25 -3.88 9.78
CA THR A 134 -4.62 -4.32 9.92
C THR A 134 -4.69 -5.70 10.55
N THR A 135 -3.55 -6.33 10.80
CA THR A 135 -3.54 -7.71 11.32
C THR A 135 -4.42 -7.94 12.59
N PRO A 136 -4.34 -7.05 13.60
CA PRO A 136 -5.17 -7.32 14.79
C PRO A 136 -6.68 -7.40 14.55
N TYR A 137 -7.20 -6.85 13.45
CA TYR A 137 -8.62 -6.90 13.17
C TYR A 137 -8.96 -7.84 12.03
N GLU A 138 -7.95 -8.45 11.40
CA GLU A 138 -8.20 -9.24 10.20
C GLU A 138 -8.73 -10.61 10.56
N ARG A 139 -9.86 -10.99 9.96
CA ARG A 139 -10.52 -12.28 10.28
C ARG A 139 -10.45 -13.32 9.17
N GLN A 140 -10.09 -12.89 7.96
CA GLN A 140 -10.15 -13.76 6.80
C GLN A 140 -8.81 -14.09 6.13
N GLU A 141 -8.01 -13.08 5.78
CA GLU A 141 -6.79 -13.39 5.02
C GLU A 141 -5.53 -13.35 5.86
N GLY A 142 -4.79 -14.46 5.87
CA GLY A 142 -3.49 -14.51 6.53
C GLY A 142 -2.38 -14.01 5.61
N TRP A 143 -1.14 -14.04 6.08
CA TRP A 143 -0.04 -13.62 5.24
C TRP A 143 1.23 -14.32 5.60
N GLN A 144 2.25 -14.13 4.76
CA GLN A 144 3.61 -14.56 5.02
C GLN A 144 4.56 -13.45 4.57
N LEU A 145 5.50 -13.09 5.43
CA LEU A 145 6.49 -12.08 5.10
C LEU A 145 7.88 -12.69 5.20
N ALA A 146 8.64 -12.67 4.12
CA ALA A 146 10.05 -13.06 4.16
C ALA A 146 10.98 -11.89 4.60
N ALA A 147 11.93 -12.18 5.47
CA ALA A 147 12.79 -11.17 6.03
C ALA A 147 14.26 -11.60 5.88
N SER A 148 15.08 -10.70 5.36
CA SER A 148 16.51 -10.92 5.21
C SER A 148 17.24 -9.68 5.71
N ARG A 149 18.31 -9.85 6.48
CA ARG A 149 19.08 -8.68 6.90
C ARG A 149 20.32 -8.66 6.02
N PHE A 150 20.67 -7.48 5.50
CA PHE A 150 21.81 -7.38 4.62
C PHE A 150 22.48 -6.02 4.80
N GLN A 151 23.73 -6.03 5.27
CA GLN A 151 24.45 -4.82 5.63
C GLN A 151 23.68 -4.01 6.68
N GLY A 152 23.19 -4.70 7.71
CA GLY A 152 22.44 -4.07 8.78
C GLY A 152 20.97 -3.93 8.43
N THR A 153 20.70 -3.50 7.20
CA THR A 153 19.31 -3.23 6.75
C THR A 153 18.42 -4.46 6.79
N LEU A 154 17.21 -4.34 7.35
CA LEU A 154 16.23 -5.44 7.31
C LEU A 154 15.30 -5.30 6.12
N TYR A 155 15.22 -6.30 5.26
CA TYR A 155 14.29 -6.26 4.14
C TYR A 155 13.09 -7.17 4.37
N LEU A 156 11.88 -6.67 4.11
CA LEU A 156 10.63 -7.46 4.24
C LEU A 156 9.91 -7.54 2.91
N SER A 157 9.65 -8.77 2.47
CA SER A 157 9.04 -8.98 1.16
C SER A 157 7.96 -10.04 1.31
N GLU A 158 6.75 -9.71 0.85
CA GLU A 158 5.64 -10.64 0.99
C GLU A 158 5.77 -11.91 0.16
N VAL A 159 5.33 -13.01 0.74
CA VAL A 159 5.26 -14.29 0.05
C VAL A 159 3.79 -14.66 -0.12
N GLU A 160 3.38 -14.89 -1.36
CA GLU A 160 2.00 -15.31 -1.59
C GLU A 160 1.68 -16.64 -0.90
N THR A 161 0.67 -16.67 -0.06
CA THR A 161 0.30 -17.91 0.61
C THR A 161 -0.37 -18.87 -0.37
N PRO A 162 -0.37 -20.17 -0.03
CA PRO A 162 -1.05 -21.18 -0.86
C PRO A 162 -2.53 -20.81 -1.12
N ALA A 163 -3.30 -20.50 -0.09
CA ALA A 163 -4.70 -20.13 -0.27
C ALA A 163 -4.86 -18.90 -1.13
N ALA A 164 -3.96 -17.94 -0.97
CA ALA A 164 -4.05 -16.70 -1.74
C ALA A 164 -3.76 -16.96 -3.20
N ARG A 165 -2.81 -17.86 -3.45
CA ARG A 165 -2.51 -18.24 -4.82
C ARG A 165 -3.67 -19.02 -5.49
N ALA A 166 -4.29 -19.96 -4.79
CA ALA A 166 -5.47 -20.65 -5.35
C ALA A 166 -6.64 -19.65 -5.54
N GLN A 167 -6.88 -18.80 -4.55
CA GLN A 167 -7.93 -17.79 -4.65
C GLN A 167 -7.67 -16.89 -5.85
N ARG A 168 -6.40 -16.59 -6.09
CA ARG A 168 -6.02 -15.78 -7.23
C ARG A 168 -6.34 -16.48 -8.55
N LEU A 169 -5.79 -17.67 -8.76
CA LEU A 169 -6.04 -18.43 -9.99
C LEU A 169 -7.55 -18.65 -10.30
N ALA A 170 -8.36 -18.75 -9.25
CA ALA A 170 -9.81 -19.00 -9.39
C ALA A 170 -10.63 -17.74 -9.14
N ARG A 171 -10.05 -16.57 -9.40
CA ARG A 171 -10.74 -15.31 -9.15
C ARG A 171 -12.03 -15.25 -9.95
N PRO A 172 -13.16 -15.02 -9.24
CA PRO A 172 -14.44 -14.96 -9.96
C PRO A 172 -14.39 -13.89 -11.06
N PRO A 173 -15.15 -14.09 -12.16
CA PRO A 173 -15.37 -13.05 -13.17
C PRO A 173 -15.70 -11.70 -12.52
N LEU A 174 -16.61 -11.70 -11.54
CA LEU A 174 -16.98 -10.50 -10.80
C LEU A 174 -15.78 -9.70 -10.21
N LEU A 175 -14.93 -10.35 -9.41
CA LEU A 175 -13.76 -9.68 -8.83
C LEU A 175 -12.78 -9.17 -9.87
N ARG A 176 -12.71 -9.88 -11.00
N ARG A 176 -12.69 -9.87 -11.01
CA ARG A 176 -11.87 -9.46 -12.13
CA ARG A 176 -11.85 -9.41 -12.10
C ARG A 176 -12.38 -8.12 -12.68
C ARG A 176 -12.38 -8.09 -12.66
N GLU A 177 -13.70 -8.00 -12.79
CA GLU A 177 -14.28 -6.79 -13.31
C GLU A 177 -14.25 -5.65 -12.25
N LEU A 178 -14.51 -5.96 -10.98
CA LEU A 178 -14.37 -4.96 -9.90
C LEU A 178 -12.99 -4.34 -9.89
N MET A 179 -11.97 -5.15 -10.09
CA MET A 179 -10.62 -4.64 -10.12
C MET A 179 -10.39 -3.69 -11.29
N TYR A 180 -10.92 -4.06 -12.45
CA TYR A 180 -10.87 -3.16 -13.60
C TYR A 180 -11.58 -1.82 -13.31
N MET A 181 -12.73 -1.91 -12.64
CA MET A 181 -13.59 -0.75 -12.33
C MET A 181 -12.88 0.24 -11.42
N GLY A 182 -12.08 -0.25 -10.48
CA GLY A 182 -11.28 0.59 -9.61
C GLY A 182 -10.27 1.38 -10.41
N TYR A 183 -9.69 0.75 -11.42
CA TYR A 183 -8.72 1.44 -12.27
C TYR A 183 -9.40 2.39 -13.25
N LYS A 184 -10.52 1.95 -13.79
CA LYS A 184 -11.30 2.75 -14.71
C LYS A 184 -11.76 4.05 -14.02
N PHE A 185 -12.16 3.97 -12.74
CA PHE A 185 -12.57 5.17 -11.97
C PHE A 185 -11.43 6.21 -11.96
N GLU A 186 -10.19 5.74 -11.75
CA GLU A 186 -9.04 6.65 -11.81
C GLU A 186 -8.89 7.36 -13.14
N GLN A 187 -9.16 6.63 -14.21
CA GLN A 187 -9.13 7.20 -15.54
C GLN A 187 -10.13 8.33 -15.73
N TYR A 188 -11.31 8.21 -15.11
CA TYR A 188 -12.33 9.27 -15.15
C TYR A 188 -11.97 10.46 -14.27
N MET A 189 -11.06 10.27 -13.33
CA MET A 189 -10.80 11.26 -12.30
C MET A 189 -9.44 11.95 -12.47
N CYS A 190 -8.66 11.51 -13.44
CA CYS A 190 -7.30 12.00 -13.61
C CYS A 190 -7.02 12.46 -15.03
N ALA A 191 -6.11 13.43 -15.14
CA ALA A 191 -5.64 13.90 -16.42
C ALA A 191 -4.15 13.66 -16.50
N ASP A 192 -3.61 13.55 -17.72
CA ASP A 192 -2.17 13.43 -17.93
C ASP A 192 -1.37 14.72 -17.65
N LYS A 193 -2.01 15.88 -17.66
CA LYS A 193 -1.29 17.14 -17.36
C LYS A 193 -2.09 17.95 -16.39
N PRO A 194 -1.41 18.73 -15.55
CA PRO A 194 -2.14 19.54 -14.56
C PRO A 194 -3.15 20.45 -15.25
N GLY A 195 -4.39 20.42 -14.75
CA GLY A 195 -5.48 21.13 -15.37
C GLY A 195 -5.92 20.53 -16.70
N GLY A 196 -5.26 19.47 -17.15
CA GLY A 196 -5.66 18.79 -18.37
C GLY A 196 -7.03 18.13 -18.19
N SER A 197 -7.49 17.39 -19.20
CA SER A 197 -8.81 16.78 -19.09
C SER A 197 -8.72 15.27 -19.12
N PRO A 198 -9.59 14.58 -18.38
CA PRO A 198 -9.46 13.12 -18.32
C PRO A 198 -9.83 12.49 -19.65
N ASP A 199 -9.29 11.29 -19.94
CA ASP A 199 -9.62 10.62 -21.19
C ASP A 199 -10.11 9.17 -21.03
N PRO A 200 -11.42 8.98 -20.91
CA PRO A 200 -11.97 7.63 -20.66
C PRO A 200 -11.90 6.72 -21.88
N SER A 201 -11.57 7.26 -23.03
CA SER A 201 -11.61 6.49 -24.26
C SER A 201 -10.37 5.61 -24.32
N GLY A 202 -9.38 5.90 -23.47
CA GLY A 202 -8.13 5.17 -23.51
C GLY A 202 -8.17 3.76 -22.95
N GLU A 203 -7.01 3.12 -22.98
CA GLU A 203 -6.80 1.77 -22.50
C GLU A 203 -6.60 1.80 -20.98
N VAL A 204 -7.07 0.75 -20.27
CA VAL A 204 -6.68 0.61 -18.86
C VAL A 204 -5.51 -0.39 -18.78
N ASN A 205 -4.31 0.14 -18.55
CA ASN A 205 -3.13 -0.70 -18.48
C ASN A 205 -2.52 -0.68 -17.08
N THR A 206 -2.67 -1.79 -16.35
CA THR A 206 -2.27 -1.84 -14.96
C THR A 206 -0.78 -2.22 -14.77
N ASN A 207 -0.04 -2.27 -15.86
CA ASN A 207 1.42 -2.28 -15.73
C ASN A 207 1.94 -0.90 -15.32
N VAL A 208 1.22 0.13 -15.76
CA VAL A 208 1.57 1.51 -15.48
C VAL A 208 1.37 1.84 -14.00
N ALA A 209 2.39 2.41 -13.35
CA ALA A 209 2.29 2.80 -11.96
C ALA A 209 3.25 3.90 -11.67
N TYR A 210 2.81 4.83 -10.83
CA TYR A 210 3.65 5.87 -10.25
C TYR A 210 3.85 5.55 -8.76
N CYS A 211 5.11 5.45 -8.32
CA CYS A 211 5.41 5.11 -6.92
C CYS A 211 6.20 6.20 -6.18
N SER A 212 5.77 6.53 -4.98
CA SER A 212 6.47 7.46 -4.10
C SER A 212 7.40 6.68 -3.18
N VAL A 213 8.59 7.20 -2.96
CA VAL A 213 9.52 6.58 -2.03
C VAL A 213 9.62 7.46 -0.81
N LEU A 214 9.30 6.89 0.37
CA LEU A 214 9.25 7.65 1.62
C LEU A 214 10.16 7.17 2.75
N ARG A 215 10.49 8.12 3.61
CA ARG A 215 11.19 7.85 4.84
C ARG A 215 10.22 8.02 6.00
N SER A 216 10.12 7.05 6.92
CA SER A 216 9.45 7.35 8.18
C SER A 216 10.21 6.63 9.28
N ARG A 217 9.56 6.51 10.43
N ARG A 217 9.56 6.55 10.42
CA ARG A 217 10.13 5.87 11.60
CA ARG A 217 10.10 5.85 11.58
C ARG A 217 8.99 5.54 12.57
C ARG A 217 8.88 5.49 12.41
N LEU A 218 8.82 4.26 12.88
CA LEU A 218 7.77 3.86 13.80
C LEU A 218 8.44 3.44 15.10
N GLY A 219 8.07 4.07 16.21
CA GLY A 219 8.82 3.86 17.45
C GLY A 219 10.28 4.17 17.19
N ASN A 220 11.18 3.25 17.55
CA ASN A 220 12.57 3.48 17.16
C ASN A 220 12.99 2.73 15.87
N HIS A 221 12.05 2.45 14.96
CA HIS A 221 12.36 1.71 13.73
C HIS A 221 12.30 2.59 12.49
N PRO A 222 13.46 3.04 12.00
CA PRO A 222 13.47 3.82 10.77
C PRO A 222 12.94 3.01 9.60
N LEU A 223 12.23 3.68 8.71
CA LEU A 223 11.51 2.99 7.63
C LEU A 223 11.82 3.65 6.30
N LEU A 224 12.08 2.81 5.29
CA LEU A 224 12.15 3.29 3.93
C LEU A 224 11.21 2.39 3.13
N PHE A 225 10.21 2.98 2.51
CA PHE A 225 9.18 2.18 1.84
C PHE A 225 8.63 2.96 0.66
N SER A 226 8.01 2.26 -0.25
N SER A 226 8.03 2.26 -0.27
CA SER A 226 7.45 2.89 -1.42
CA SER A 226 7.43 2.93 -1.42
C SER A 226 6.02 2.42 -1.57
C SER A 226 6.03 2.40 -1.65
N GLY A 227 5.16 3.28 -2.13
CA GLY A 227 3.77 2.89 -2.37
C GLY A 227 3.31 3.51 -3.67
N GLU A 228 2.45 2.80 -4.40
CA GLU A 228 1.77 3.40 -5.55
C GLU A 228 0.92 4.60 -5.09
N VAL A 229 0.89 5.62 -5.91
CA VAL A 229 0.18 6.86 -5.61
C VAL A 229 -0.68 7.18 -6.83
N ASP A 230 -1.96 7.46 -6.62
CA ASP A 230 -2.87 7.58 -7.75
C ASP A 230 -2.70 8.87 -8.54
N CYS A 231 -2.55 10.00 -7.85
CA CYS A 231 -2.46 11.26 -8.56
C CYS A 231 -1.97 12.33 -7.62
N LEU A 232 -1.50 13.43 -8.23
CA LEU A 232 -1.14 14.66 -7.53
C LEU A 232 -2.26 15.69 -7.75
N ASN A 233 -2.72 16.36 -6.70
CA ASN A 233 -3.80 17.32 -6.85
C ASN A 233 -3.21 18.73 -7.01
N PRO A 234 -3.24 19.25 -8.25
CA PRO A 234 -2.69 20.60 -8.44
C PRO A 234 -3.52 21.70 -7.73
N GLN A 235 -4.76 21.41 -7.34
CA GLN A 235 -5.55 22.38 -6.58
C GLN A 235 -5.24 22.35 -5.06
N ALA A 236 -4.48 21.35 -4.60
CA ALA A 236 -4.19 21.32 -3.16
C ALA A 236 -3.36 22.53 -2.74
N PRO A 237 -3.75 23.18 -1.63
CA PRO A 237 -2.98 24.32 -1.08
C PRO A 237 -1.54 23.97 -0.72
N CYS A 238 -1.28 22.78 -0.20
CA CYS A 238 0.12 22.39 -0.03
C CYS A 238 0.56 21.55 -1.20
N THR A 239 1.58 22.07 -1.88
CA THR A 239 2.10 21.45 -3.09
C THR A 239 3.22 20.44 -2.84
N GLN A 240 3.71 20.33 -1.60
CA GLN A 240 4.86 19.43 -1.29
C GLN A 240 4.35 17.99 -1.09
N PRO A 241 4.86 17.05 -1.88
CA PRO A 241 4.46 15.67 -1.58
C PRO A 241 4.96 15.22 -0.22
N PRO A 242 4.24 14.32 0.44
CA PRO A 242 3.07 13.63 -0.09
C PRO A 242 1.75 14.36 0.15
N SER A 243 1.77 15.58 0.69
CA SER A 243 0.54 16.27 1.07
C SER A 243 -0.38 16.59 -0.09
N CYS A 244 0.21 16.79 -1.26
CA CYS A 244 -0.52 17.07 -2.50
C CYS A 244 -1.05 15.82 -3.19
N TYR A 245 -0.78 14.64 -2.65
CA TYR A 245 -1.32 13.42 -3.27
C TYR A 245 -2.77 13.08 -2.88
N VAL A 246 -3.49 12.38 -3.75
CA VAL A 246 -4.85 11.92 -3.48
C VAL A 246 -4.93 10.44 -3.79
N GLU A 247 -5.62 9.69 -2.94
CA GLU A 247 -5.93 8.27 -3.18
C GLU A 247 -7.37 8.11 -3.71
N LEU A 248 -7.54 7.40 -4.82
CA LEU A 248 -8.86 7.16 -5.42
C LEU A 248 -9.37 5.75 -5.11
N LYS A 249 -10.62 5.64 -4.68
CA LYS A 249 -11.21 4.36 -4.27
C LYS A 249 -12.59 4.27 -4.87
N THR A 250 -13.09 3.05 -5.05
CA THR A 250 -14.52 2.92 -5.33
C THR A 250 -15.07 2.01 -4.27
N SER A 251 -16.38 2.07 -4.10
CA SER A 251 -17.07 1.28 -3.11
C SER A 251 -18.56 1.30 -3.49
N LYS A 252 -19.29 0.24 -3.12
CA LYS A 252 -20.74 0.13 -3.35
C LYS A 252 -21.49 1.28 -2.75
N GLU A 253 -22.52 1.79 -3.45
CA GLU A 253 -23.43 2.74 -2.81
C GLU A 253 -24.02 2.12 -1.56
N MET A 254 -24.20 2.94 -0.54
CA MET A 254 -24.77 2.51 0.71
C MET A 254 -26.04 3.29 1.01
N HIS A 255 -27.04 2.61 1.56
CA HIS A 255 -28.30 3.27 1.82
C HIS A 255 -28.66 3.33 3.31
N SER A 256 -28.50 2.23 4.03
CA SER A 256 -28.91 2.24 5.43
C SER A 256 -27.77 2.62 6.37
N PRO A 257 -28.14 3.08 7.57
CA PRO A 257 -27.07 3.37 8.54
C PRO A 257 -26.29 2.11 8.89
N GLY A 258 -26.90 0.93 8.84
CA GLY A 258 -26.15 -0.30 9.10
C GLY A 258 -25.07 -0.54 8.06
N GLN A 259 -25.36 -0.11 6.83
CA GLN A 259 -24.45 -0.34 5.73
C GLN A 259 -23.26 0.59 5.82
N TRP A 260 -23.50 1.85 6.19
CA TRP A 260 -22.44 2.81 6.48
C TRP A 260 -21.56 2.38 7.68
N ARG A 261 -22.20 1.84 8.69
CA ARG A 261 -21.51 1.35 9.88
C ARG A 261 -20.53 0.23 9.53
N SER A 262 -20.98 -0.70 8.69
CA SER A 262 -20.14 -1.82 8.25
C SER A 262 -18.94 -1.30 7.44
N PHE A 263 -19.22 -0.38 6.52
CA PHE A 263 -18.20 0.33 5.77
C PHE A 263 -17.12 0.99 6.66
N TYR A 264 -17.56 1.76 7.64
CA TYR A 264 -16.67 2.44 8.59
C TYR A 264 -15.75 1.48 9.32
N ARG A 265 -16.33 0.37 9.72
CA ARG A 265 -15.68 -0.64 10.51
C ARG A 265 -14.68 -1.49 9.73
N HIS A 266 -14.94 -1.76 8.45
CA HIS A 266 -14.09 -2.72 7.76
C HIS A 266 -13.32 -2.05 6.65
N LYS A 267 -14.02 -1.40 5.72
CA LYS A 267 -13.39 -0.81 4.57
C LYS A 267 -12.53 0.41 4.96
N LEU A 268 -13.09 1.33 5.75
CA LEU A 268 -12.33 2.50 6.19
C LEU A 268 -11.05 2.16 6.93
N LEU A 269 -11.03 1.09 7.70
CA LEU A 269 -9.81 0.71 8.40
C LEU A 269 -8.66 0.44 7.38
N LYS A 270 -8.97 -0.23 6.28
CA LYS A 270 -7.97 -0.49 5.23
C LYS A 270 -7.60 0.75 4.45
N TRP A 271 -8.57 1.60 4.14
CA TRP A 271 -8.27 2.87 3.50
C TRP A 271 -7.37 3.71 4.40
N TRP A 272 -7.68 3.73 5.69
CA TRP A 272 -6.93 4.52 6.65
C TRP A 272 -5.49 4.05 6.66
N ALA A 273 -5.34 2.75 6.84
CA ALA A 273 -4.01 2.19 7.06
C ALA A 273 -3.08 2.43 5.83
N GLN A 274 -3.61 2.19 4.64
CA GLN A 274 -2.91 2.41 3.41
C GLN A 274 -2.47 3.88 3.18
N SER A 275 -3.35 4.84 3.45
CA SER A 275 -3.03 6.25 3.22
C SER A 275 -2.35 6.91 4.41
N PHE A 276 -2.57 6.41 5.62
CA PHE A 276 -1.89 7.01 6.77
C PHE A 276 -0.38 6.82 6.68
N LEU A 277 0.06 5.65 6.20
CA LEU A 277 1.50 5.32 6.25
C LEU A 277 2.34 6.31 5.46
N PRO A 278 1.97 6.58 4.20
CA PRO A 278 2.75 7.49 3.38
C PRO A 278 2.38 8.97 3.50
N GLY A 279 1.46 9.32 4.39
CA GLY A 279 1.06 10.71 4.60
C GLY A 279 0.16 11.25 3.51
N VAL A 280 -0.62 10.39 2.84
CA VAL A 280 -1.54 10.84 1.80
C VAL A 280 -2.80 11.34 2.55
N PRO A 281 -3.11 12.64 2.45
CA PRO A 281 -4.14 13.22 3.37
C PRO A 281 -5.61 13.03 2.94
N HIS A 282 -5.91 12.68 1.70
CA HIS A 282 -7.32 12.51 1.30
C HIS A 282 -7.53 11.30 0.43
N VAL A 283 -8.58 10.56 0.78
CA VAL A 283 -9.13 9.54 -0.11
C VAL A 283 -10.42 10.03 -0.74
N VAL A 284 -10.50 9.98 -2.06
CA VAL A 284 -11.72 10.32 -2.76
C VAL A 284 -12.39 9.04 -3.29
N ALA A 285 -13.60 8.81 -2.83
CA ALA A 285 -14.32 7.61 -3.09
C ALA A 285 -15.44 7.85 -4.09
N GLY A 286 -15.53 7.00 -5.09
CA GLY A 286 -16.67 7.00 -5.99
C GLY A 286 -17.60 5.87 -5.59
N PHE A 287 -18.83 6.17 -5.26
CA PHE A 287 -19.78 5.10 -4.92
C PHE A 287 -20.51 4.63 -6.18
N ARG A 288 -20.54 3.33 -6.37
CA ARG A 288 -21.04 2.79 -7.62
C ARG A 288 -22.32 2.05 -7.34
N ASN A 289 -23.30 2.26 -8.20
CA ASN A 289 -24.53 1.51 -8.10
C ASN A 289 -24.34 0.11 -8.70
N PRO A 290 -25.38 -0.74 -8.56
CA PRO A 290 -25.25 -2.13 -9.02
C PRO A 290 -25.13 -2.29 -10.52
N GLU A 291 -25.47 -1.26 -11.28
CA GLU A 291 -25.28 -1.29 -12.74
C GLU A 291 -23.86 -0.87 -13.16
N GLY A 292 -23.01 -0.54 -12.19
CA GLY A 292 -21.62 -0.24 -12.53
C GLY A 292 -21.32 1.21 -12.82
N PHE A 293 -22.19 2.11 -12.36
CA PHE A 293 -22.02 3.56 -12.55
C PHE A 293 -21.66 4.20 -11.21
N VAL A 294 -20.71 5.14 -11.24
CA VAL A 294 -20.43 5.98 -10.08
C VAL A 294 -21.37 7.17 -10.14
N CYS A 295 -22.22 7.28 -9.12
N CYS A 295 -22.29 7.32 -9.20
CA CYS A 295 -23.27 8.29 -9.12
CA CYS A 295 -23.14 8.50 -9.32
C CYS A 295 -22.88 9.47 -8.21
C CYS A 295 -23.07 9.37 -8.05
N SER A 296 -21.99 9.19 -7.27
CA SER A 296 -21.57 10.21 -6.28
C SER A 296 -20.14 10.00 -5.81
N LEU A 297 -19.56 11.09 -5.32
CA LEU A 297 -18.19 11.19 -4.88
C LEU A 297 -18.20 11.71 -3.48
N LYS A 298 -17.36 11.13 -2.63
CA LYS A 298 -17.19 11.68 -1.28
C LYS A 298 -15.70 11.76 -0.93
N THR A 299 -15.28 12.84 -0.28
CA THR A 299 -13.90 12.93 0.17
C THR A 299 -13.76 12.51 1.63
N PHE A 300 -12.78 11.64 1.92
CA PHE A 300 -12.45 11.25 3.31
C PHE A 300 -11.04 11.68 3.69
N PRO A 301 -10.93 12.71 4.54
CA PRO A 301 -9.60 13.05 5.05
C PRO A 301 -9.06 11.90 5.87
N THR A 302 -7.85 11.45 5.56
CA THR A 302 -7.22 10.35 6.28
C THR A 302 -7.21 10.57 7.80
N MET A 303 -6.91 11.79 8.23
CA MET A 303 -6.81 12.07 9.66
C MET A 303 -8.17 12.16 10.36
N GLU A 304 -9.27 12.06 9.60
CA GLU A 304 -10.58 12.09 10.24
C GLU A 304 -11.29 10.74 10.14
N MET A 305 -10.64 9.76 9.52
CA MET A 305 -11.33 8.50 9.26
C MET A 305 -11.71 7.81 10.56
N PHE A 306 -10.80 7.87 11.54
CA PHE A 306 -11.00 7.24 12.84
C PHE A 306 -12.21 7.85 13.54
N GLU A 307 -12.51 9.11 13.27
CA GLU A 307 -13.65 9.77 13.93
C GLU A 307 -14.93 8.95 13.76
N ASN A 308 -15.02 8.20 12.65
CA ASN A 308 -16.23 7.43 12.36
C ASN A 308 -16.43 6.22 13.24
N VAL A 309 -15.37 5.81 13.95
CA VAL A 309 -15.48 4.62 14.80
C VAL A 309 -14.91 4.88 16.21
N ARG A 310 -14.61 6.14 16.53
CA ARG A 310 -14.00 6.48 17.83
C ARG A 310 -14.76 5.94 19.06
N ASN A 311 -16.08 6.05 19.06
CA ASN A 311 -16.83 5.55 20.22
C ASN A 311 -17.72 4.41 19.80
N ASP A 312 -17.14 3.49 19.05
CA ASP A 312 -17.87 2.36 18.52
C ASP A 312 -17.29 1.09 19.14
N ARG A 313 -18.14 0.29 19.79
CA ARG A 313 -17.69 -0.92 20.46
C ARG A 313 -17.10 -1.93 19.49
N GLU A 314 -17.45 -1.81 18.22
CA GLU A 314 -16.95 -2.76 17.22
C GLU A 314 -16.00 -2.08 16.26
N GLY A 315 -15.52 -0.91 16.64
CA GLY A 315 -14.64 -0.16 15.77
C GLY A 315 -13.19 -0.60 15.86
N TRP A 316 -12.36 0.05 15.06
CA TRP A 316 -10.94 -0.22 15.05
C TRP A 316 -10.24 0.98 15.66
N ASN A 317 -8.98 0.79 16.07
CA ASN A 317 -8.23 1.79 16.80
C ASN A 317 -6.85 1.95 16.19
N PRO A 318 -6.56 3.12 15.60
CA PRO A 318 -5.28 3.37 14.98
C PRO A 318 -4.11 3.02 15.91
N SER A 319 -4.27 3.22 17.21
CA SER A 319 -3.20 2.94 18.18
C SER A 319 -2.90 1.46 18.21
N VAL A 320 -3.95 0.66 18.16
CA VAL A 320 -3.76 -0.77 18.14
C VAL A 320 -2.97 -1.19 16.88
N CYS A 321 -3.39 -0.71 15.71
CA CYS A 321 -2.69 -0.98 14.46
C CYS A 321 -1.21 -0.65 14.55
N MET A 322 -0.90 0.55 15.00
CA MET A 322 0.49 1.01 15.02
C MET A 322 1.33 0.34 16.09
N ASN A 323 0.77 0.13 17.29
CA ASN A 323 1.50 -0.61 18.32
C ASN A 323 1.77 -2.05 17.91
N PHE A 324 0.82 -2.72 17.27
CA PHE A 324 1.14 -4.09 16.78
C PHE A 324 2.24 -4.03 15.74
N CYS A 325 2.14 -3.10 14.79
CA CYS A 325 3.17 -3.00 13.77
C CYS A 325 4.56 -2.73 14.39
N ALA A 326 4.64 -1.83 15.38
CA ALA A 326 5.89 -1.52 16.05
C ALA A 326 6.44 -2.76 16.76
N ALA A 327 5.53 -3.54 17.33
CA ALA A 327 5.90 -4.75 18.04
C ALA A 327 6.35 -5.82 17.02
N PHE A 328 5.70 -5.89 15.86
CA PHE A 328 6.17 -6.83 14.85
C PHE A 328 7.56 -6.41 14.34
N LEU A 329 7.80 -5.13 14.08
CA LEU A 329 9.15 -4.71 13.72
C LEU A 329 10.23 -5.09 14.77
N SER A 330 9.93 -4.87 16.05
N SER A 330 9.94 -4.87 16.06
CA SER A 330 10.86 -5.25 17.11
CA SER A 330 10.88 -5.26 17.12
C SER A 330 11.06 -6.76 17.15
C SER A 330 11.06 -6.77 17.14
N PHE A 331 9.98 -7.50 16.93
CA PHE A 331 10.06 -8.96 16.86
C PHE A 331 10.97 -9.44 15.66
N ALA A 332 10.72 -8.87 14.49
CA ALA A 332 11.49 -9.22 13.31
C ALA A 332 12.95 -8.86 13.54
N GLN A 333 13.19 -7.64 14.03
CA GLN A 333 14.56 -7.16 14.24
C GLN A 333 15.35 -8.08 15.17
N SER A 334 14.74 -8.52 16.27
N SER A 334 14.74 -8.51 16.27
CA SER A 334 15.44 -9.35 17.24
CA SER A 334 15.41 -9.35 17.25
C SER A 334 15.51 -10.81 16.81
C SER A 334 15.56 -10.79 16.73
N THR A 335 14.61 -11.23 15.92
CA THR A 335 14.61 -12.61 15.43
C THR A 335 15.65 -12.79 14.33
N VAL A 336 15.78 -11.78 13.46
CA VAL A 336 16.69 -11.87 12.33
C VAL A 336 18.07 -11.32 12.70
N VAL A 337 18.89 -12.17 13.31
CA VAL A 337 20.18 -11.69 13.83
C VAL A 337 21.29 -11.83 12.79
N GLN A 338 21.29 -12.92 12.05
CA GLN A 338 22.31 -13.13 11.03
C GLN A 338 22.18 -12.13 9.86
N ASP A 339 23.29 -11.46 9.54
CA ASP A 339 23.43 -10.65 8.34
C ASP A 339 23.82 -11.58 7.19
N ASP A 340 22.91 -11.78 6.21
CA ASP A 340 23.10 -12.73 5.12
C ASP A 340 21.92 -12.61 4.17
N PRO A 341 22.17 -12.12 2.94
CA PRO A 341 21.08 -11.87 2.01
C PRO A 341 20.47 -13.14 1.44
N ARG A 342 21.07 -14.30 1.72
CA ARG A 342 20.58 -15.56 1.17
C ARG A 342 19.81 -16.35 2.24
N LEU A 343 19.76 -15.81 3.46
CA LEU A 343 19.00 -16.44 4.53
C LEU A 343 17.65 -15.73 4.73
N VAL A 344 16.58 -16.51 4.93
CA VAL A 344 15.25 -15.90 5.11
C VAL A 344 14.59 -16.40 6.36
N HIS A 345 14.12 -15.45 7.17
CA HIS A 345 13.18 -15.77 8.24
C HIS A 345 11.78 -15.49 7.71
N LEU A 346 10.96 -16.54 7.67
CA LEU A 346 9.63 -16.46 7.11
C LEU A 346 8.66 -16.32 8.28
N PHE A 347 8.00 -15.16 8.35
CA PHE A 347 6.96 -14.88 9.34
C PHE A 347 5.59 -15.20 8.77
N SER A 348 4.89 -16.13 9.44
CA SER A 348 3.61 -16.63 8.94
C SER A 348 2.48 -16.29 9.88
N TRP A 349 1.35 -15.89 9.34
CA TRP A 349 0.25 -15.56 10.21
C TRP A 349 -1.09 -15.93 9.60
N GLU A 350 -1.92 -16.56 10.43
CA GLU A 350 -3.31 -16.85 10.06
C GLU A 350 -4.23 -16.27 11.14
N PRO A 351 -5.42 -15.79 10.73
CA PRO A 351 -6.38 -15.23 11.70
C PRO A 351 -6.59 -16.17 12.90
N GLY A 352 -6.58 -15.61 14.12
CA GLY A 352 -6.82 -16.38 15.34
C GLY A 352 -5.59 -17.02 15.96
N GLY A 353 -4.43 -16.83 15.31
CA GLY A 353 -3.20 -17.39 15.80
C GLY A 353 -2.16 -16.29 15.92
N PRO A 354 -1.00 -16.62 16.50
CA PRO A 354 0.12 -15.70 16.62
C PRO A 354 0.97 -15.71 15.34
N VAL A 355 1.87 -14.73 15.21
CA VAL A 355 2.82 -14.78 14.13
C VAL A 355 3.90 -15.79 14.47
N THR A 356 4.20 -16.73 13.57
CA THR A 356 5.29 -17.70 13.86
C THR A 356 6.41 -17.58 12.83
N VAL A 357 7.55 -18.23 13.11
CA VAL A 357 8.76 -18.02 12.33
C VAL A 357 9.34 -19.37 11.88
N SER A 358 9.81 -19.47 10.63
CA SER A 358 10.57 -20.63 10.18
C SER A 358 11.78 -20.09 9.44
N VAL A 359 12.83 -20.89 9.29
CA VAL A 359 14.05 -20.38 8.69
C VAL A 359 14.44 -21.14 7.44
N HIS A 360 14.92 -20.43 6.43
CA HIS A 360 15.20 -21.02 5.13
C HIS A 360 16.30 -20.33 4.38
N ARG A 361 17.03 -21.08 3.58
CA ARG A 361 18.09 -20.44 2.82
C ARG A 361 17.90 -20.67 1.30
N ASP A 362 18.37 -19.71 0.51
CA ASP A 362 18.40 -19.82 -0.95
C ASP A 362 16.98 -20.01 -1.51
N ALA A 363 16.87 -20.73 -2.63
CA ALA A 363 15.61 -20.86 -3.34
C ALA A 363 14.64 -21.75 -2.58
N PRO A 364 13.33 -21.48 -2.66
CA PRO A 364 12.64 -20.38 -3.35
C PRO A 364 12.44 -19.09 -2.51
N TYR A 365 12.76 -19.10 -1.22
CA TYR A 365 12.34 -17.95 -0.40
C TYR A 365 13.29 -16.76 -0.48
N ALA A 366 14.57 -17.01 -0.71
CA ALA A 366 15.53 -15.92 -0.78
C ALA A 366 15.09 -14.93 -1.88
N PHE A 367 15.05 -13.63 -1.56
CA PHE A 367 14.45 -12.67 -2.50
C PHE A 367 15.34 -11.48 -2.89
N LEU A 368 16.47 -11.30 -2.20
CA LEU A 368 17.44 -10.28 -2.63
C LEU A 368 18.30 -10.74 -3.82
N PRO A 369 18.09 -10.11 -4.98
CA PRO A 369 18.78 -10.51 -6.21
C PRO A 369 20.28 -10.18 -6.16
N SER A 370 21.01 -11.03 -6.86
CA SER A 370 22.44 -10.91 -6.97
C SER A 370 22.89 -9.54 -7.50
N TRP A 371 22.14 -8.97 -8.44
CA TRP A 371 22.55 -7.67 -8.98
C TRP A 371 22.45 -6.58 -7.91
N TYR A 372 21.58 -6.78 -6.92
CA TYR A 372 21.54 -5.84 -5.79
C TYR A 372 22.68 -6.10 -4.81
N VAL A 373 22.77 -7.35 -4.38
CA VAL A 373 23.75 -7.76 -3.38
C VAL A 373 25.20 -7.42 -3.83
N GLU A 374 25.55 -7.76 -5.08
CA GLU A 374 26.94 -7.55 -5.56
C GLU A 374 27.28 -6.06 -5.65
N THR A 375 26.35 -5.23 -6.08
CA THR A 375 26.64 -3.79 -6.20
C THR A 375 26.76 -3.15 -4.85
N MET A 376 25.90 -3.58 -3.92
CA MET A 376 25.89 -3.00 -2.59
C MET A 376 27.14 -3.41 -1.82
N THR A 377 27.64 -4.59 -2.16
CA THR A 377 28.90 -5.10 -1.59
C THR A 377 30.12 -4.34 -2.09
N GLN A 378 30.12 -3.89 -3.34
CA GLN A 378 31.24 -3.11 -3.85
C GLN A 378 31.16 -1.63 -3.46
#